data_7YI7
#
_entry.id   7YI7
#
_cell.length_a   49.974
_cell.length_b   60.090
_cell.length_c   78.423
_cell.angle_alpha   90.00
_cell.angle_beta   89.16
_cell.angle_gamma   90.00
#
_symmetry.space_group_name_H-M   'P 1 21 1'
#
loop_
_entity.id
_entity.type
_entity.pdbx_description
1 polymer 'Heparanase 50 kDa subunit'
2 polymer 'Heparanase 8 kDa subunit'
3 non-polymer '(5~{S},6~{R},7~{S},8~{S})-6,7,8-tris(oxidanyl)-2-[2-[4-(trifluoromethyl)phenyl]ethyl]-5,6,7,8-tetrahydroimidazo[1,2-a]pyridine-5-carboxylic acid'
4 water water
#
loop_
_entity_poly.entity_id
_entity_poly.type
_entity_poly.pdbx_seq_one_letter_code
_entity_poly.pdbx_strand_id
1 'polypeptide(L)'
;KKFKNSTYSRSSVDVLYTFANCSGLDLIFGLNALLRTADLQWNSSNAQLLLDYCSSKGYNISWELGNEPNSFLKKADIFI
NGSQLGEDFIQLHKLLRKSTFKNAKLYGPDVGQPRRKTAKMLKSFLKAGGEVIDSVTWHHYYLNGRTATREDFLNPDVLD
IFISSVQKVFQVVESTRPGKKVWLGETSSAYGGGAPLLSDTFAAGFMWLDKLGLSARMGIEVVMRQVFFGAGNYHLVDEN
FDPLPDYWLSLLFKKLVGTKVLMASVQGSKRRKLRVYLHCTNTDNPRYKEGDLTLYAINLHNVTKYLRLPYPFSNKQVDK
YLLRPLGPHGLLSKSVQLNGLTLKMVDDQTLPPLMEKPLRPGSSLGLPAFSYSFFVIRNAKVAACI
;
A
2 'polypeptide(L)' QDVVDLDFFTQEPLHLVSPSFLSVTIDANLATDPRFLILLGSPKLRTLARGLSPAYLRFGGTKTDFLIFDPKKE B
#
# COMPACT_ATOMS: atom_id res chain seq x y z
N LYS A 2 18.67 -21.65 -2.00
CA LYS A 2 17.61 -20.91 -2.71
C LYS A 2 17.97 -19.40 -2.93
N PHE A 3 18.74 -18.76 -2.02
CA PHE A 3 19.14 -17.29 -2.11
C PHE A 3 20.58 -16.92 -1.65
N LYS A 4 21.39 -16.36 -2.57
CA LYS A 4 22.76 -15.85 -2.25
C LYS A 4 22.88 -14.35 -2.55
N ASN A 5 23.99 -13.75 -2.13
CA ASN A 5 24.17 -12.31 -2.21
C ASN A 5 24.41 -11.79 -3.61
N SER A 6 24.10 -10.52 -3.83
CA SER A 6 24.31 -9.85 -5.09
C SER A 6 24.77 -8.44 -4.81
N THR A 7 25.32 -7.78 -5.81
CA THR A 7 25.79 -6.42 -5.64
C THR A 7 24.93 -5.44 -6.40
N TYR A 8 25.07 -4.17 -6.03
CA TYR A 8 24.54 -3.08 -6.82
C TYR A 8 25.49 -1.89 -6.79
N SER A 9 25.32 -1.05 -7.80
CA SER A 9 26.25 0.00 -8.10
C SER A 9 25.73 1.36 -7.68
N ARG A 10 26.65 2.31 -7.57
CA ARG A 10 26.26 3.72 -7.51
C ARG A 10 25.26 4.11 -8.63
N SER A 11 25.45 3.59 -9.83
CA SER A 11 24.56 3.82 -10.95
C SER A 11 23.15 3.38 -10.63
N SER A 12 23.01 2.17 -10.07
CA SER A 12 21.70 1.61 -9.67
C SER A 12 20.99 2.52 -8.69
N VAL A 13 21.74 3.02 -7.71
CA VAL A 13 21.21 3.92 -6.74
C VAL A 13 20.74 5.16 -7.43
N ASP A 14 21.56 5.69 -8.31
CA ASP A 14 21.17 6.91 -9.03
C ASP A 14 19.83 6.73 -9.74
N VAL A 15 19.75 5.65 -10.51
CA VAL A 15 18.53 5.30 -11.27
C VAL A 15 17.29 5.32 -10.39
N LEU A 16 17.40 4.57 -9.30
CA LEU A 16 16.34 4.38 -8.35
C LEU A 16 15.88 5.72 -7.78
N TYR A 17 16.84 6.57 -7.42
CA TYR A 17 16.55 7.88 -6.81
C TYR A 17 15.83 8.79 -7.76
N THR A 18 16.32 8.80 -9.00
CA THR A 18 15.77 9.66 -10.06
C THR A 18 14.36 9.28 -10.40
N PHE A 19 14.14 7.98 -10.46
CA PHE A 19 12.83 7.43 -10.60
C PHE A 19 11.86 8.01 -9.57
N ALA A 20 12.24 7.89 -8.30
CA ALA A 20 11.47 8.48 -7.22
C ALA A 20 11.31 10.02 -7.36
N ASN A 21 12.42 10.76 -7.43
CA ASN A 21 12.38 12.22 -7.38
C ASN A 21 11.55 12.72 -8.56
N CYS A 22 11.85 12.25 -9.78
CA CYS A 22 11.15 12.72 -10.99
C CYS A 22 9.68 12.27 -11.01
N SER A 23 9.34 11.23 -10.25
CA SER A 23 7.97 10.75 -10.25
C SER A 23 7.18 11.23 -9.04
N GLY A 24 7.73 12.19 -8.30
CA GLY A 24 7.06 12.73 -7.12
C GLY A 24 6.94 11.78 -5.91
N LEU A 25 7.89 10.86 -5.76
CA LEU A 25 7.77 9.83 -4.74
C LEU A 25 8.85 9.98 -3.71
N ASP A 26 8.60 9.48 -2.51
CA ASP A 26 9.59 9.46 -1.46
C ASP A 26 10.12 8.06 -1.29
N LEU A 27 11.40 7.92 -1.60
CA LEU A 27 12.09 6.63 -1.57
C LEU A 27 12.35 6.13 -0.16
N ILE A 28 11.97 4.89 0.11
CA ILE A 28 12.43 4.19 1.33
C ILE A 28 13.35 3.05 0.93
N PHE A 29 14.53 3.00 1.53
CA PHE A 29 15.52 2.00 1.15
C PHE A 29 15.79 0.96 2.25
N GLY A 30 15.50 -0.31 1.94
CA GLY A 30 15.77 -1.43 2.86
C GLY A 30 17.23 -1.83 2.81
N LEU A 31 17.96 -1.58 3.88
CA LEU A 31 19.34 -2.03 3.99
C LEU A 31 19.41 -3.49 4.37
N ASN A 32 20.56 -4.09 4.11
CA ASN A 32 20.86 -5.47 4.41
C ASN A 32 21.20 -5.59 5.89
N ALA A 33 20.46 -6.43 6.58
CA ALA A 33 20.63 -6.64 8.02
C ALA A 33 21.41 -7.90 8.30
N LEU A 34 21.78 -8.64 7.27
CA LEU A 34 22.44 -9.92 7.50
C LEU A 34 23.97 -9.85 7.48
N LEU A 35 24.50 -8.65 7.36
CA LEU A 35 25.93 -8.49 7.45
C LEU A 35 26.25 -8.40 8.91
N ARG A 36 26.97 -9.40 9.44
CA ARG A 36 27.10 -9.62 10.89
C ARG A 36 28.55 -9.77 11.36
N THR A 37 28.84 -9.45 12.62
CA THR A 37 30.18 -9.64 13.18
C THR A 37 30.33 -11.06 13.77
N ALA A 38 31.50 -11.35 14.35
CA ALA A 38 31.75 -12.53 15.19
C ALA A 38 30.65 -12.80 16.24
N ASP A 39 30.42 -11.78 17.07
CA ASP A 39 29.43 -11.80 18.16
C ASP A 39 28.00 -11.50 17.66
N LEU A 40 27.82 -11.53 16.34
CA LEU A 40 26.52 -11.48 15.68
C LEU A 40 25.75 -10.15 15.81
N GLN A 41 26.44 -9.08 16.16
CA GLN A 41 25.95 -7.72 15.96
C GLN A 41 26.01 -7.34 14.48
N TRP A 42 25.05 -6.55 14.03
CA TRP A 42 25.04 -6.04 12.65
C TRP A 42 26.36 -5.33 12.33
N ASN A 43 27.05 -5.75 11.26
CA ASN A 43 28.22 -5.00 10.80
C ASN A 43 27.76 -3.91 9.84
N SER A 44 27.91 -2.67 10.30
CA SER A 44 27.29 -1.56 9.65
C SER A 44 28.19 -0.93 8.61
N SER A 45 29.30 -1.58 8.26
CA SER A 45 30.29 -0.90 7.43
C SER A 45 29.85 -0.75 5.95
N ASN A 46 29.13 -1.74 5.39
CA ASN A 46 28.60 -1.59 4.02
C ASN A 46 27.60 -0.43 3.95
N ALA A 47 26.74 -0.34 4.97
CA ALA A 47 25.78 0.76 5.04
C ALA A 47 26.49 2.12 5.10
N GLN A 48 27.61 2.16 5.81
CA GLN A 48 28.40 3.39 5.90
C GLN A 48 28.79 3.90 4.51
N LEU A 49 29.21 3.01 3.64
CA LEU A 49 29.59 3.39 2.26
C LEU A 49 28.40 3.95 1.51
N LEU A 50 27.25 3.33 1.69
CA LEU A 50 26.05 3.75 0.98
C LEU A 50 25.61 5.12 1.42
N LEU A 51 25.61 5.32 2.72
CA LEU A 51 25.25 6.58 3.31
C LEU A 51 26.18 7.67 2.86
N ASP A 52 27.48 7.41 2.88
CA ASP A 52 28.43 8.42 2.47
C ASP A 52 28.22 8.80 0.99
N TYR A 53 27.99 7.80 0.13
CA TYR A 53 27.78 8.08 -1.28
C TYR A 53 26.52 8.90 -1.48
N CYS A 54 25.46 8.48 -0.82
CA CYS A 54 24.20 9.21 -0.89
C CYS A 54 24.35 10.65 -0.44
N SER A 55 25.05 10.87 0.68
CA SER A 55 25.33 12.24 1.16
C SER A 55 26.00 13.08 0.12
N SER A 56 27.04 12.49 -0.47
CA SER A 56 27.88 13.21 -1.39
C SER A 56 27.06 13.63 -2.61
N LYS A 57 25.95 12.95 -2.87
CA LYS A 57 25.07 13.26 -4.02
C LYS A 57 23.86 14.13 -3.72
N GLY A 58 23.64 14.46 -2.45
CA GLY A 58 22.46 15.25 -2.06
C GLY A 58 21.12 14.50 -2.07
N TYR A 59 21.17 13.21 -1.74
CA TYR A 59 19.96 12.38 -1.83
C TYR A 59 19.13 12.38 -0.53
N ASN A 60 17.84 12.73 -0.60
CA ASN A 60 16.97 12.71 0.60
C ASN A 60 16.17 11.40 0.64
N ILE A 61 16.46 10.59 1.64
CA ILE A 61 16.07 9.18 1.63
C ILE A 61 15.72 8.68 3.02
N SER A 62 14.72 7.82 3.11
CA SER A 62 14.33 7.20 4.37
C SER A 62 14.85 5.77 4.33
N TRP A 63 15.06 5.19 5.50
CA TRP A 63 15.77 3.90 5.57
C TRP A 63 15.04 2.85 6.38
N GLU A 64 15.21 1.59 5.97
CA GLU A 64 14.75 0.47 6.75
C GLU A 64 15.94 -0.44 6.97
N LEU A 65 15.82 -1.41 7.86
CA LEU A 65 16.92 -2.30 8.08
C LEU A 65 16.34 -3.68 8.30
N GLY A 66 16.66 -4.63 7.41
CA GLY A 66 16.11 -5.98 7.43
C GLY A 66 14.76 -6.11 6.73
N ASN A 67 14.41 -7.34 6.35
CA ASN A 67 13.10 -7.68 5.79
C ASN A 67 12.66 -9.04 6.34
N GLU A 68 11.48 -9.06 6.96
CA GLU A 68 10.90 -10.25 7.57
C GLU A 68 11.93 -10.99 8.38
N PRO A 69 12.48 -10.30 9.38
CA PRO A 69 13.51 -10.86 10.24
C PRO A 69 13.04 -12.06 11.07
N ASN A 70 11.74 -12.22 11.24
CA ASN A 70 11.22 -13.44 11.84
C ASN A 70 11.60 -14.73 11.08
N SER A 71 11.90 -14.62 9.78
CA SER A 71 12.24 -15.76 8.91
C SER A 71 13.74 -15.96 8.63
N PHE A 72 14.57 -15.17 9.28
CA PHE A 72 16.01 -15.23 9.06
C PHE A 72 16.60 -16.59 9.25
N LEU A 73 16.13 -17.31 10.26
CA LEU A 73 16.58 -18.66 10.55
C LEU A 73 16.20 -19.57 9.40
N LYS A 74 14.98 -19.46 8.91
CA LYS A 74 14.58 -20.31 7.80
C LYS A 74 15.25 -19.88 6.49
N LYS A 75 15.37 -18.58 6.27
CA LYS A 75 15.98 -18.04 5.03
C LYS A 75 17.49 -18.13 4.92
N ALA A 76 18.20 -18.10 6.04
CA ALA A 76 19.69 -18.05 6.06
C ALA A 76 20.39 -18.76 7.25
N ASP A 77 19.70 -19.69 7.92
CA ASP A 77 20.23 -20.42 9.08
C ASP A 77 20.79 -19.56 10.21
N ILE A 78 20.28 -18.34 10.35
CA ILE A 78 20.72 -17.43 11.39
C ILE A 78 19.51 -16.87 12.12
N PHE A 79 19.53 -16.93 13.45
CA PHE A 79 18.53 -16.29 14.30
C PHE A 79 19.09 -15.03 14.95
N ILE A 80 18.39 -13.92 14.74
CA ILE A 80 18.67 -12.65 15.39
C ILE A 80 17.46 -12.37 16.28
N ASN A 81 17.68 -12.13 17.57
CA ASN A 81 16.54 -11.88 18.47
C ASN A 81 16.12 -10.41 18.36
N GLY A 82 14.87 -10.13 18.72
CA GLY A 82 14.33 -8.77 18.67
C GLY A 82 15.16 -7.75 19.43
N SER A 83 15.68 -8.13 20.60
CA SER A 83 16.55 -7.25 21.41
C SER A 83 17.78 -6.78 20.62
N GLN A 84 18.44 -7.73 19.98
CA GLN A 84 19.61 -7.43 19.17
C GLN A 84 19.23 -6.56 17.98
N LEU A 85 18.16 -6.93 17.27
CA LEU A 85 17.73 -6.16 16.12
C LEU A 85 17.50 -4.70 16.53
N GLY A 86 16.94 -4.51 17.72
CA GLY A 86 16.72 -3.17 18.24
C GLY A 86 18.02 -2.42 18.42
N GLU A 87 18.99 -3.10 19.03
CA GLU A 87 20.34 -2.56 19.16
C GLU A 87 20.86 -2.13 17.77
N ASP A 88 20.62 -2.96 16.76
CA ASP A 88 21.12 -2.69 15.44
C ASP A 88 20.46 -1.44 14.86
N PHE A 89 19.16 -1.31 15.10
CA PHE A 89 18.46 -0.11 14.67
C PHE A 89 19.01 1.13 15.36
N ILE A 90 19.48 0.96 16.60
CA ILE A 90 20.11 2.07 17.33
C ILE A 90 21.42 2.43 16.67
N GLN A 91 22.19 1.43 16.26
CA GLN A 91 23.44 1.70 15.57
C GLN A 91 23.15 2.50 14.32
N LEU A 92 22.09 2.12 13.61
CA LEU A 92 21.74 2.80 12.37
C LEU A 92 21.33 4.24 12.66
N HIS A 93 20.51 4.43 13.68
CA HIS A 93 20.15 5.76 14.12
C HIS A 93 21.40 6.67 14.28
N LYS A 94 22.42 6.17 14.98
CA LYS A 94 23.63 6.96 15.22
C LYS A 94 24.25 7.41 13.89
N LEU A 95 24.33 6.49 12.95
CA LEU A 95 25.00 6.76 11.68
C LEU A 95 24.27 7.81 10.88
N LEU A 96 22.95 7.72 10.90
CA LEU A 96 22.09 8.67 10.20
C LEU A 96 22.23 10.07 10.77
N ARG A 97 22.36 10.17 12.10
CA ARG A 97 22.56 11.44 12.81
C ARG A 97 23.88 12.16 12.40
N LYS A 98 24.94 11.37 12.14
CA LYS A 98 26.26 11.91 11.76
C LYS A 98 26.39 12.23 10.28
N SER A 99 25.34 11.96 9.52
CA SER A 99 25.34 12.16 8.08
C SER A 99 24.80 13.55 7.76
N THR A 100 25.07 14.02 6.55
CA THR A 100 24.61 15.33 6.08
C THR A 100 23.07 15.57 6.20
N PHE A 101 22.25 14.52 6.12
CA PHE A 101 20.80 14.63 6.41
C PHE A 101 20.47 13.89 7.71
N LYS A 102 20.75 14.55 8.82
CA LYS A 102 20.50 14.02 10.18
C LYS A 102 19.01 13.84 10.59
N ASN A 103 18.09 14.41 9.81
CA ASN A 103 16.65 14.16 10.00
C ASN A 103 16.06 13.16 9.00
N ALA A 104 16.91 12.26 8.51
CA ALA A 104 16.46 11.11 7.73
C ALA A 104 15.55 10.25 8.61
N LYS A 105 14.49 9.73 8.00
CA LYS A 105 13.56 8.86 8.69
C LYS A 105 14.07 7.44 8.70
N LEU A 106 13.65 6.70 9.73
CA LEU A 106 14.04 5.31 9.94
C LEU A 106 12.80 4.50 10.34
N TYR A 107 12.50 3.43 9.60
CA TYR A 107 11.30 2.64 9.83
C TYR A 107 11.66 1.19 9.98
N GLY A 108 10.90 0.42 10.73
CA GLY A 108 11.21 -1.01 10.92
C GLY A 108 10.19 -1.67 11.82
N PRO A 109 10.22 -3.00 11.99
CA PRO A 109 11.24 -3.91 11.47
C PRO A 109 10.73 -4.80 10.38
N ASP A 110 9.67 -4.39 9.73
CA ASP A 110 9.19 -5.08 8.56
C ASP A 110 9.03 -6.56 8.79
N VAL A 111 8.51 -6.90 9.98
CA VAL A 111 8.12 -8.27 10.27
C VAL A 111 6.93 -8.69 9.43
N GLY A 112 6.73 -10.00 9.39
CA GLY A 112 5.64 -10.59 8.66
C GLY A 112 4.41 -10.42 9.51
N GLN A 113 3.28 -10.88 8.99
CA GLN A 113 2.05 -10.92 9.79
C GLN A 113 2.21 -11.81 11.03
N PRO A 114 1.50 -11.47 12.11
CA PRO A 114 1.93 -12.02 13.38
C PRO A 114 1.27 -13.34 13.78
N ARG A 115 2.05 -14.43 13.74
CA ARG A 115 1.74 -15.60 14.56
C ARG A 115 2.48 -15.40 15.90
N ARG A 116 2.34 -16.36 16.81
CA ARG A 116 2.85 -16.25 18.19
C ARG A 116 4.24 -15.59 18.31
N LYS A 117 5.25 -16.14 17.64
CA LYS A 117 6.64 -15.65 17.86
C LYS A 117 7.02 -14.40 17.05
N THR A 118 6.48 -14.25 15.85
CA THR A 118 6.62 -12.97 15.14
C THR A 118 6.18 -11.80 16.01
N ALA A 119 5.04 -11.98 16.69
CA ALA A 119 4.55 -11.00 17.66
C ALA A 119 5.52 -10.79 18.85
N LYS A 120 6.05 -11.89 19.38
CA LYS A 120 7.03 -11.84 20.47
C LYS A 120 8.33 -11.14 20.06
N MET A 121 8.76 -11.35 18.82
CA MET A 121 9.98 -10.72 18.29
C MET A 121 9.75 -9.22 18.15
N LEU A 122 8.58 -8.86 17.63
CA LEU A 122 8.19 -7.46 17.46
C LEU A 122 8.19 -6.72 18.79
N LYS A 123 7.64 -7.36 19.81
CA LYS A 123 7.55 -6.82 21.16
C LYS A 123 8.92 -6.46 21.73
N SER A 124 9.85 -7.42 21.68
CA SER A 124 11.21 -7.24 22.21
C SER A 124 11.99 -6.23 21.40
N PHE A 125 11.70 -6.20 20.10
CA PHE A 125 12.27 -5.17 19.22
C PHE A 125 11.82 -3.77 19.67
N LEU A 126 10.52 -3.62 19.89
CA LEU A 126 9.96 -2.34 20.28
C LEU A 126 10.43 -1.91 21.65
N LYS A 127 10.53 -2.85 22.58
CA LYS A 127 11.13 -2.57 23.87
C LYS A 127 12.53 -1.94 23.70
N ALA A 128 13.38 -2.66 22.97
CA ALA A 128 14.81 -2.35 22.90
C ALA A 128 15.08 -1.12 22.05
N GLY A 129 14.44 -1.04 20.90
CA GLY A 129 14.79 -0.04 19.92
C GLY A 129 13.65 0.82 19.46
N GLY A 130 12.48 0.64 20.04
CA GLY A 130 11.28 1.38 19.60
C GLY A 130 11.38 2.90 19.63
N GLU A 131 12.26 3.42 20.49
CA GLU A 131 12.44 4.87 20.69
C GLU A 131 13.00 5.61 19.46
N VAL A 132 13.77 4.94 18.59
CA VAL A 132 14.42 5.60 17.42
C VAL A 132 13.72 5.45 16.05
N ILE A 133 12.66 4.65 15.99
CA ILE A 133 11.93 4.46 14.76
C ILE A 133 10.68 5.37 14.67
N ASP A 134 10.48 5.91 13.48
CA ASP A 134 9.46 6.91 13.22
C ASP A 134 8.10 6.28 12.91
N SER A 135 8.09 5.00 12.55
CA SER A 135 6.87 4.22 12.32
C SER A 135 7.19 2.76 12.46
N VAL A 136 6.17 1.98 12.80
CA VAL A 136 6.31 0.53 12.91
C VAL A 136 5.81 -0.10 11.63
N THR A 137 6.67 -0.83 10.93
CA THR A 137 6.29 -1.45 9.66
C THR A 137 6.09 -2.96 9.82
N TRP A 138 5.01 -3.48 9.28
CA TRP A 138 4.79 -4.91 9.24
C TRP A 138 4.13 -5.23 7.95
N HIS A 139 4.13 -6.51 7.58
CA HIS A 139 3.67 -6.92 6.26
C HIS A 139 2.53 -7.91 6.39
N HIS A 140 1.71 -8.02 5.34
CA HIS A 140 0.59 -8.96 5.33
C HIS A 140 0.11 -9.40 3.94
N TYR A 141 -0.18 -10.69 3.80
CA TYR A 141 -0.77 -11.25 2.58
C TYR A 141 -1.92 -12.14 2.97
N TYR A 142 -2.89 -12.28 2.10
CA TYR A 142 -4.06 -13.10 2.40
C TYR A 142 -3.76 -14.60 2.23
N LEU A 143 -3.20 -14.95 1.07
CA LEU A 143 -3.13 -16.34 0.58
C LEU A 143 -1.74 -16.83 0.10
N ASN A 144 -1.66 -18.12 -0.21
CA ASN A 144 -0.56 -18.67 -1.00
C ASN A 144 -0.95 -18.58 -2.50
N GLY A 145 -0.08 -18.04 -3.33
CA GLY A 145 -0.39 -17.78 -4.75
C GLY A 145 -0.63 -19.03 -5.56
N ARG A 146 -0.10 -20.14 -5.07
CA ARG A 146 -0.33 -21.44 -5.70
C ARG A 146 -1.65 -22.12 -5.31
N THR A 147 -2.20 -21.84 -4.14
CA THR A 147 -3.43 -22.49 -3.68
C THR A 147 -4.67 -21.61 -3.81
N ALA A 148 -4.48 -20.34 -4.14
CA ALA A 148 -5.61 -19.42 -4.26
C ALA A 148 -6.48 -19.75 -5.46
N THR A 149 -7.79 -19.74 -5.25
CA THR A 149 -8.76 -20.00 -6.31
C THR A 149 -9.52 -18.70 -6.55
N ARG A 150 -10.21 -18.58 -7.67
CA ARG A 150 -11.00 -17.37 -7.93
C ARG A 150 -12.02 -17.12 -6.85
N GLU A 151 -12.58 -18.19 -6.31
CA GLU A 151 -13.59 -18.08 -5.27
C GLU A 151 -13.02 -17.43 -3.98
N ASP A 152 -11.75 -17.69 -3.68
CA ASP A 152 -11.07 -17.08 -2.51
C ASP A 152 -10.93 -15.55 -2.59
N PHE A 153 -10.72 -15.05 -3.81
CA PHE A 153 -10.61 -13.60 -4.04
C PHE A 153 -11.94 -12.89 -3.91
N LEU A 154 -13.04 -13.66 -3.86
CA LEU A 154 -14.38 -13.12 -3.64
C LEU A 154 -14.97 -13.41 -2.24
N ASN A 155 -14.31 -14.22 -1.43
CA ASN A 155 -14.86 -14.62 -0.15
C ASN A 155 -14.62 -13.61 1.00
N PRO A 156 -15.69 -12.98 1.54
CA PRO A 156 -15.63 -12.05 2.69
C PRO A 156 -14.97 -12.59 3.92
N ASP A 157 -15.14 -13.88 4.18
CA ASP A 157 -14.57 -14.52 5.38
C ASP A 157 -13.05 -14.41 5.35
N VAL A 158 -12.51 -14.54 4.15
CA VAL A 158 -11.09 -14.40 3.89
C VAL A 158 -10.61 -12.97 4.16
N LEU A 159 -11.38 -12.00 3.67
CA LEU A 159 -11.03 -10.60 3.81
C LEU A 159 -10.93 -10.20 5.27
N ASP A 160 -11.77 -10.81 6.09
CA ASP A 160 -11.86 -10.51 7.53
C ASP A 160 -10.75 -11.18 8.36
N ILE A 161 -9.92 -12.04 7.77
CA ILE A 161 -8.76 -12.59 8.49
C ILE A 161 -7.71 -11.46 8.68
N PHE A 162 -7.80 -10.45 7.82
CA PHE A 162 -7.01 -9.23 7.92
C PHE A 162 -7.27 -8.48 9.22
N ILE A 163 -8.55 -8.41 9.56
CA ILE A 163 -9.00 -7.70 10.72
C ILE A 163 -8.25 -8.19 11.94
N SER A 164 -8.24 -9.51 12.14
CA SER A 164 -7.54 -10.06 13.29
C SER A 164 -6.05 -9.76 13.25
N SER A 165 -5.44 -9.78 12.07
CA SER A 165 -4.00 -9.47 11.92
C SER A 165 -3.61 -8.04 12.33
N VAL A 166 -4.39 -7.08 11.85
CA VAL A 166 -4.18 -5.66 12.20
C VAL A 166 -4.16 -5.50 13.70
N GLN A 167 -5.19 -6.08 14.31
CA GLN A 167 -5.45 -5.89 15.72
C GLN A 167 -4.35 -6.48 16.55
N LYS A 168 -3.86 -7.64 16.12
CA LYS A 168 -2.84 -8.36 16.87
C LYS A 168 -1.59 -7.49 16.96
N VAL A 169 -1.31 -6.76 15.87
CA VAL A 169 -0.11 -5.92 15.79
C VAL A 169 -0.27 -4.72 16.71
N PHE A 170 -1.38 -4.03 16.54
CA PHE A 170 -1.69 -2.92 17.42
C PHE A 170 -1.66 -3.30 18.91
N GLN A 171 -2.17 -4.50 19.22
CA GLN A 171 -2.13 -5.00 20.59
C GLN A 171 -0.69 -4.94 21.11
N VAL A 172 0.26 -5.37 20.27
CA VAL A 172 1.65 -5.45 20.69
C VAL A 172 2.23 -4.04 20.84
N VAL A 173 1.93 -3.19 19.86
CA VAL A 173 2.50 -1.85 19.83
C VAL A 173 1.99 -1.07 21.05
N GLU A 174 0.69 -1.20 21.28
CA GLU A 174 0.03 -0.40 22.29
C GLU A 174 0.50 -0.81 23.66
N SER A 175 0.86 -2.08 23.82
CA SER A 175 1.41 -2.56 25.08
C SER A 175 2.87 -2.12 25.36
N THR A 176 3.54 -1.54 24.37
CA THR A 176 4.97 -1.19 24.50
C THR A 176 5.36 0.21 24.06
N ARG A 177 4.78 0.71 22.97
CA ARG A 177 5.05 2.07 22.50
C ARG A 177 3.75 2.68 22.02
N PRO A 178 2.83 2.94 22.96
CA PRO A 178 1.52 3.46 22.55
C PRO A 178 1.61 4.80 21.80
N GLY A 179 0.78 4.97 20.78
CA GLY A 179 0.69 6.23 20.05
C GLY A 179 1.68 6.38 18.91
N LYS A 180 2.54 5.37 18.77
CA LYS A 180 3.51 5.27 17.68
C LYS A 180 2.74 4.96 16.41
N LYS A 181 3.12 5.59 15.29
CA LYS A 181 2.53 5.27 13.97
C LYS A 181 2.76 3.81 13.57
N VAL A 182 1.82 3.24 12.85
CA VAL A 182 1.92 1.90 12.32
C VAL A 182 1.65 1.92 10.82
N TRP A 183 2.54 1.30 10.06
CA TRP A 183 2.50 1.29 8.59
C TRP A 183 2.39 -0.13 8.08
N LEU A 184 1.62 -0.35 7.02
CA LEU A 184 1.74 -1.62 6.29
C LEU A 184 2.91 -1.50 5.29
N GLY A 185 4.02 -2.20 5.61
CA GLY A 185 5.30 -2.01 4.94
C GLY A 185 5.44 -2.75 3.63
N GLU A 186 4.61 -3.78 3.46
CA GLU A 186 4.59 -4.59 2.26
C GLU A 186 3.34 -5.43 2.37
N THR A 187 2.50 -5.42 1.36
CA THR A 187 1.26 -6.16 1.46
C THR A 187 0.66 -6.32 0.07
N SER A 188 0.00 -7.45 -0.12
CA SER A 188 -0.79 -7.68 -1.32
C SER A 188 -1.70 -8.88 -1.14
N SER A 189 -2.42 -9.20 -2.22
CA SER A 189 -3.29 -10.37 -2.34
C SER A 189 -2.72 -11.73 -1.92
N ALA A 190 -1.68 -12.20 -2.61
CA ALA A 190 -1.11 -13.54 -2.36
C ALA A 190 0.42 -13.55 -2.37
N TYR A 191 1.03 -14.42 -1.55
CA TYR A 191 2.48 -14.59 -1.58
C TYR A 191 2.96 -15.58 -2.65
N GLY A 192 4.27 -15.68 -2.84
CA GLY A 192 4.87 -16.45 -3.93
C GLY A 192 4.62 -15.86 -5.31
N GLY A 193 4.74 -14.55 -5.42
CA GLY A 193 4.60 -13.85 -6.70
C GLY A 193 3.16 -13.57 -7.12
N GLY A 194 2.21 -13.91 -6.25
CA GLY A 194 0.80 -13.67 -6.54
C GLY A 194 0.24 -14.85 -7.28
N ALA A 195 -1.06 -14.89 -7.39
CA ALA A 195 -1.71 -16.03 -7.98
C ALA A 195 -1.90 -15.72 -9.43
N PRO A 196 -1.39 -16.59 -10.31
CA PRO A 196 -1.43 -16.32 -11.74
C PRO A 196 -2.85 -16.26 -12.27
N LEU A 197 -3.11 -15.28 -13.14
CA LEU A 197 -4.44 -15.02 -13.75
C LEU A 197 -5.55 -14.66 -12.74
N LEU A 198 -5.14 -14.09 -11.61
CA LEU A 198 -6.05 -13.59 -10.57
C LEU A 198 -5.50 -12.25 -10.04
N SER A 199 -4.34 -12.27 -9.38
CA SER A 199 -3.73 -11.09 -8.76
C SER A 199 -3.50 -9.94 -9.71
N ASP A 200 -3.62 -10.21 -11.01
CA ASP A 200 -3.47 -9.19 -12.03
C ASP A 200 -4.78 -8.80 -12.73
N THR A 201 -5.91 -9.17 -12.12
CA THR A 201 -7.23 -8.95 -12.76
C THR A 201 -8.14 -8.02 -11.94
N PHE A 202 -9.31 -7.71 -12.51
CA PHE A 202 -10.37 -6.94 -11.83
C PHE A 202 -10.75 -7.57 -10.49
N ALA A 203 -10.75 -8.90 -10.45
CA ALA A 203 -10.98 -9.67 -9.22
C ALA A 203 -10.05 -9.34 -8.04
N ALA A 204 -8.83 -8.87 -8.32
CA ALA A 204 -7.90 -8.50 -7.24
C ALA A 204 -8.32 -7.23 -6.50
N GLY A 205 -9.10 -6.39 -7.16
CA GLY A 205 -9.59 -5.13 -6.59
C GLY A 205 -10.43 -5.25 -5.33
N PHE A 206 -11.11 -6.36 -5.16
CA PHE A 206 -11.90 -6.53 -3.97
C PHE A 206 -10.99 -6.56 -2.77
N MET A 207 -10.00 -7.43 -2.80
CA MET A 207 -9.03 -7.46 -1.71
C MET A 207 -8.24 -6.15 -1.54
N TRP A 208 -7.96 -5.46 -2.64
CA TRP A 208 -7.12 -4.28 -2.57
C TRP A 208 -7.93 -3.15 -1.96
N LEU A 209 -9.16 -2.95 -2.44
CA LEU A 209 -9.99 -1.87 -1.92
C LEU A 209 -10.39 -2.14 -0.51
N ASP A 210 -10.68 -3.38 -0.21
CA ASP A 210 -11.08 -3.70 1.15
C ASP A 210 -9.96 -3.38 2.09
N LYS A 211 -8.74 -3.72 1.67
CA LYS A 211 -7.57 -3.56 2.51
C LYS A 211 -7.29 -2.10 2.89
N LEU A 212 -7.55 -1.21 1.94
CA LEU A 212 -7.39 0.23 2.16
C LEU A 212 -8.45 0.72 3.11
N GLY A 213 -9.68 0.27 2.85
CA GLY A 213 -10.81 0.65 3.66
C GLY A 213 -10.56 0.31 5.11
N LEU A 214 -10.18 -0.92 5.37
CA LEU A 214 -10.05 -1.37 6.75
C LEU A 214 -8.83 -0.72 7.40
N SER A 215 -7.77 -0.56 6.60
CA SER A 215 -6.51 -0.01 7.09
C SER A 215 -6.73 1.40 7.63
N ALA A 216 -7.45 2.20 6.85
CA ALA A 216 -7.77 3.57 7.17
C ALA A 216 -8.56 3.65 8.46
N ARG A 217 -9.61 2.84 8.52
CA ARG A 217 -10.48 2.81 9.67
C ARG A 217 -9.73 2.41 10.91
N MET A 218 -8.94 1.36 10.80
CA MET A 218 -8.31 0.75 11.98
C MET A 218 -7.05 1.46 12.49
N GLY A 219 -6.57 2.49 11.78
CA GLY A 219 -5.45 3.32 12.28
C GLY A 219 -4.13 3.17 11.55
N ILE A 220 -4.10 2.44 10.44
CA ILE A 220 -2.90 2.32 9.61
C ILE A 220 -2.75 3.60 8.80
N GLU A 221 -1.58 4.23 8.91
CA GLU A 221 -1.37 5.57 8.38
C GLU A 221 -0.90 5.54 6.94
N VAL A 222 -0.15 4.50 6.57
CA VAL A 222 0.39 4.33 5.21
C VAL A 222 0.36 2.87 4.78
N VAL A 223 -0.09 2.64 3.53
CA VAL A 223 -0.17 1.29 2.95
C VAL A 223 0.76 1.18 1.74
N MET A 224 1.68 0.19 1.81
CA MET A 224 2.65 -0.11 0.75
C MET A 224 2.32 -1.39 -0.05
N ARG A 225 1.81 -1.17 -1.27
CA ARG A 225 1.48 -2.26 -2.18
C ARG A 225 2.66 -2.88 -2.94
N GLN A 226 2.78 -4.19 -2.76
CA GLN A 226 3.66 -5.03 -3.55
C GLN A 226 2.92 -5.45 -4.85
N VAL A 227 3.41 -5.08 -6.04
CA VAL A 227 4.48 -4.13 -6.29
C VAL A 227 3.99 -3.17 -7.33
N PHE A 228 4.66 -2.03 -7.45
CA PHE A 228 4.30 -1.08 -8.49
C PHE A 228 4.41 -1.80 -9.83
N PHE A 229 5.54 -2.43 -10.04
CA PHE A 229 5.68 -3.31 -11.16
C PHE A 229 6.86 -4.25 -10.87
N GLY A 230 6.92 -5.34 -11.63
CA GLY A 230 7.92 -6.40 -11.44
C GLY A 230 7.44 -7.76 -11.91
N ALA A 231 8.13 -8.81 -11.47
CA ALA A 231 7.93 -10.16 -11.98
C ALA A 231 6.59 -10.77 -11.53
N GLY A 232 6.21 -10.39 -10.32
CA GLY A 232 5.06 -10.96 -9.69
C GLY A 232 3.75 -10.72 -10.41
N ASN A 233 2.81 -11.62 -10.19
CA ASN A 233 1.45 -11.47 -10.70
C ASN A 233 0.72 -10.30 -10.13
N TYR A 234 1.03 -9.97 -8.88
CA TYR A 234 0.43 -8.82 -8.20
C TYR A 234 0.93 -7.45 -8.63
N HIS A 235 1.76 -7.33 -9.66
CA HIS A 235 2.10 -6.00 -10.14
C HIS A 235 0.88 -5.14 -10.47
N LEU A 236 1.04 -3.84 -10.32
CA LEU A 236 0.02 -2.87 -10.75
C LEU A 236 0.18 -2.56 -12.24
N VAL A 237 1.42 -2.64 -12.72
CA VAL A 237 1.77 -2.37 -14.11
C VAL A 237 2.38 -3.66 -14.64
N ASP A 238 1.90 -4.15 -15.78
CA ASP A 238 2.46 -5.38 -16.37
C ASP A 238 3.84 -5.17 -17.03
N GLU A 239 4.45 -6.29 -17.40
CA GLU A 239 5.73 -6.31 -18.10
C GLU A 239 5.79 -5.41 -19.36
N ASN A 240 4.65 -5.11 -19.97
CA ASN A 240 4.60 -4.23 -21.16
C ASN A 240 4.51 -2.75 -20.76
N PHE A 241 4.47 -2.54 -19.46
CA PHE A 241 4.34 -1.22 -18.86
C PHE A 241 2.95 -0.63 -19.09
N ASP A 242 1.97 -1.53 -19.12
CA ASP A 242 0.55 -1.17 -19.25
C ASP A 242 -0.16 -1.33 -17.89
N PRO A 243 -1.03 -0.40 -17.56
CA PRO A 243 -1.72 -0.47 -16.29
C PRO A 243 -2.84 -1.52 -16.25
N LEU A 244 -2.94 -2.14 -15.10
CA LEU A 244 -3.96 -3.14 -14.85
C LEU A 244 -5.14 -2.54 -14.07
N PRO A 245 -6.20 -3.30 -13.86
CA PRO A 245 -7.32 -2.86 -13.05
C PRO A 245 -6.96 -2.23 -11.71
N ASP A 246 -6.18 -2.93 -10.88
CA ASP A 246 -5.71 -2.34 -9.60
C ASP A 246 -4.95 -0.99 -9.74
N TYR A 247 -4.30 -0.73 -10.88
CA TYR A 247 -3.68 0.55 -11.07
C TYR A 247 -4.75 1.60 -11.18
N TRP A 248 -5.74 1.36 -12.03
CA TRP A 248 -6.76 2.39 -12.29
C TRP A 248 -7.57 2.65 -11.02
N LEU A 249 -7.86 1.58 -10.30
CA LEU A 249 -8.44 1.65 -8.96
C LEU A 249 -7.60 2.53 -8.04
N SER A 250 -6.29 2.32 -8.06
CA SER A 250 -5.39 3.05 -7.16
C SER A 250 -5.34 4.52 -7.53
N LEU A 251 -5.25 4.79 -8.82
CA LEU A 251 -5.25 6.18 -9.29
C LEU A 251 -6.55 6.92 -8.86
N LEU A 252 -7.66 6.24 -9.07
CA LEU A 252 -8.97 6.77 -8.74
C LEU A 252 -9.12 7.05 -7.25
N PHE A 253 -8.72 6.09 -6.44
CA PHE A 253 -8.69 6.27 -4.98
C PHE A 253 -7.96 7.58 -4.64
N LYS A 254 -6.82 7.83 -5.31
CA LYS A 254 -6.00 9.02 -5.04
C LYS A 254 -6.72 10.28 -5.29
N LYS A 255 -7.45 10.36 -6.40
CA LYS A 255 -8.10 11.61 -6.79
C LYS A 255 -9.24 11.98 -5.86
N LEU A 256 -9.82 10.99 -5.20
CA LEU A 256 -11.14 11.13 -4.57
C LEU A 256 -11.16 11.04 -3.05
N VAL A 257 -10.28 10.24 -2.46
CA VAL A 257 -10.32 10.01 -1.05
C VAL A 257 -9.35 10.93 -0.30
N GLY A 258 -9.89 11.63 0.70
CA GLY A 258 -9.15 12.52 1.56
C GLY A 258 -8.58 11.80 2.76
N THR A 259 -7.87 12.55 3.60
CA THR A 259 -7.12 11.96 4.69
C THR A 259 -7.94 11.65 5.94
N LYS A 260 -9.02 12.39 6.15
CA LYS A 260 -9.83 12.20 7.32
C LYS A 260 -10.75 11.02 7.17
N VAL A 261 -10.73 10.15 8.16
CA VAL A 261 -11.47 8.91 8.11
C VAL A 261 -12.75 8.94 8.93
N LEU A 262 -13.86 8.80 8.24
CA LEU A 262 -15.16 8.72 8.86
C LEU A 262 -15.57 7.24 8.90
N MET A 263 -16.87 6.95 8.89
CA MET A 263 -17.32 5.57 8.89
C MET A 263 -18.68 5.40 8.29
N ALA A 264 -18.96 4.18 7.84
CA ALA A 264 -20.29 3.78 7.41
C ALA A 264 -20.51 2.30 7.75
N SER A 265 -21.77 1.88 7.87
CA SER A 265 -22.12 0.45 7.94
C SER A 265 -23.53 0.26 7.43
N VAL A 266 -23.95 -0.97 7.15
CA VAL A 266 -25.36 -1.18 6.75
C VAL A 266 -26.20 -1.47 8.00
N GLN A 267 -27.42 -0.93 8.04
CA GLN A 267 -28.32 -1.09 9.19
C GLN A 267 -28.49 -2.55 9.59
N GLY A 268 -29.07 -3.35 8.69
CA GLY A 268 -29.25 -4.79 8.92
C GLY A 268 -27.93 -5.48 9.23
N SER A 269 -27.96 -6.42 10.18
CA SER A 269 -26.74 -7.13 10.67
C SER A 269 -25.79 -7.59 9.56
N LYS A 270 -26.35 -8.23 8.54
CA LYS A 270 -25.57 -8.77 7.44
C LYS A 270 -25.14 -7.67 6.47
N ARG A 271 -23.83 -7.46 6.47
CA ARG A 271 -23.10 -6.65 5.49
C ARG A 271 -21.74 -7.28 5.14
N ARG A 272 -21.45 -8.47 5.66
CA ARG A 272 -20.27 -9.22 5.24
C ARG A 272 -20.02 -9.13 3.72
N LYS A 273 -21.05 -9.31 2.89
CA LYS A 273 -20.87 -9.24 1.42
C LYS A 273 -20.94 -7.80 0.86
N LEU A 274 -21.52 -6.88 1.61
CA LEU A 274 -21.57 -5.48 1.19
C LEU A 274 -20.68 -4.67 2.10
N ARG A 275 -19.54 -4.22 1.60
CA ARG A 275 -18.55 -3.53 2.44
C ARG A 275 -18.58 -2.05 2.09
N VAL A 276 -18.60 -1.18 3.10
CA VAL A 276 -18.67 0.25 2.84
C VAL A 276 -17.68 1.03 3.69
N TYR A 277 -17.24 2.16 3.16
CA TYR A 277 -16.18 2.95 3.76
C TYR A 277 -16.37 4.42 3.44
N LEU A 278 -15.97 5.28 4.37
CA LEU A 278 -16.30 6.70 4.27
C LEU A 278 -15.17 7.62 4.77
N HIS A 279 -14.79 8.58 3.92
CA HIS A 279 -13.81 9.58 4.27
C HIS A 279 -14.39 10.89 3.74
N CYS A 280 -13.79 11.98 4.20
CA CYS A 280 -13.90 13.25 3.54
C CYS A 280 -13.35 13.14 2.13
N THR A 281 -13.90 13.93 1.24
CA THR A 281 -13.40 14.01 -0.11
C THR A 281 -12.04 14.69 -0.08
N ASN A 282 -11.23 14.32 -1.06
CA ASN A 282 -9.95 14.93 -1.29
C ASN A 282 -10.12 16.40 -1.63
N THR A 283 -9.51 17.25 -0.83
CA THR A 283 -9.65 18.70 -0.98
C THR A 283 -9.07 19.25 -2.29
N ASP A 284 -7.98 18.66 -2.74
CA ASP A 284 -7.23 19.15 -3.90
C ASP A 284 -7.97 19.04 -5.20
N ASN A 285 -8.94 18.16 -5.30
CA ASN A 285 -9.69 18.11 -6.51
C ASN A 285 -10.40 19.46 -6.65
N PRO A 286 -10.27 20.11 -7.81
CA PRO A 286 -10.90 21.41 -8.05
C PRO A 286 -12.41 21.30 -8.14
N ARG A 287 -12.91 20.12 -8.54
CA ARG A 287 -14.36 19.87 -8.64
C ARG A 287 -15.07 19.90 -7.28
N TYR A 288 -14.32 19.65 -6.21
CA TYR A 288 -14.90 19.48 -4.90
C TYR A 288 -14.32 20.49 -3.88
N LYS A 289 -14.88 20.45 -2.68
CA LYS A 289 -14.67 21.51 -1.73
C LYS A 289 -14.83 20.92 -0.36
N GLU A 290 -14.21 21.57 0.63
CA GLU A 290 -14.25 21.12 2.03
C GLU A 290 -15.66 20.78 2.38
N GLY A 291 -15.84 19.74 3.19
CA GLY A 291 -17.17 19.28 3.58
C GLY A 291 -17.72 18.10 2.78
N ASP A 292 -17.37 18.00 1.48
CA ASP A 292 -17.80 16.87 0.60
C ASP A 292 -17.29 15.51 1.10
N LEU A 293 -18.06 14.46 0.84
CA LEU A 293 -17.75 13.12 1.35
C LEU A 293 -17.55 12.12 0.25
N THR A 294 -16.61 11.22 0.47
CA THR A 294 -16.41 10.15 -0.46
C THR A 294 -16.71 8.84 0.24
N LEU A 295 -17.71 8.15 -0.31
CA LEU A 295 -18.06 6.81 0.09
C LEU A 295 -17.56 5.88 -0.98
N TYR A 296 -16.92 4.79 -0.57
CA TYR A 296 -16.62 3.70 -1.49
C TYR A 296 -17.16 2.37 -0.99
N ALA A 297 -17.43 1.48 -1.94
CA ALA A 297 -18.25 0.32 -1.65
C ALA A 297 -17.94 -0.84 -2.56
N ILE A 298 -18.02 -2.03 -1.95
CA ILE A 298 -17.70 -3.31 -2.57
C ILE A 298 -18.91 -4.25 -2.46
N ASN A 299 -19.34 -4.80 -3.59
CA ASN A 299 -20.51 -5.68 -3.62
C ASN A 299 -20.10 -7.10 -3.95
N LEU A 300 -20.10 -7.96 -2.94
CA LEU A 300 -19.82 -9.40 -3.14
C LEU A 300 -21.11 -10.27 -3.17
N HIS A 301 -22.27 -9.63 -3.31
CA HIS A 301 -23.50 -10.35 -3.61
C HIS A 301 -23.51 -10.64 -5.09
N ASN A 302 -24.26 -11.69 -5.44
CA ASN A 302 -24.37 -12.13 -6.84
C ASN A 302 -25.44 -11.40 -7.64
N VAL A 303 -26.08 -10.40 -7.02
CA VAL A 303 -27.07 -9.51 -7.66
C VAL A 303 -26.81 -8.04 -7.31
N THR A 304 -27.35 -7.13 -8.14
CA THR A 304 -27.24 -5.68 -7.91
C THR A 304 -27.88 -5.23 -6.57
N LYS A 305 -27.18 -4.36 -5.86
CA LYS A 305 -27.71 -3.73 -4.63
C LYS A 305 -27.84 -2.26 -4.83
N TYR A 306 -28.79 -1.67 -4.12
CA TYR A 306 -28.96 -0.23 -4.15
C TYR A 306 -28.69 0.32 -2.78
N LEU A 307 -27.97 1.43 -2.72
CA LEU A 307 -27.67 2.07 -1.45
C LEU A 307 -28.57 3.25 -1.24
N ARG A 308 -29.10 3.36 -0.03
CA ARG A 308 -29.85 4.54 0.32
C ARG A 308 -29.16 5.32 1.42
N LEU A 309 -28.95 6.60 1.11
CA LEU A 309 -28.15 7.48 1.93
C LEU A 309 -28.94 8.09 3.11
N PRO A 310 -28.31 8.17 4.29
CA PRO A 310 -28.86 9.05 5.30
C PRO A 310 -29.13 10.44 4.79
N TYR A 311 -30.37 10.91 5.00
CA TYR A 311 -30.71 12.34 4.92
C TYR A 311 -29.88 13.05 6.01
N PRO A 312 -29.40 14.27 5.78
CA PRO A 312 -29.62 15.14 4.60
C PRO A 312 -29.00 14.76 3.25
N PHE A 313 -28.18 13.71 3.25
CA PHE A 313 -27.34 13.41 2.10
C PHE A 313 -28.16 12.74 1.03
N SER A 314 -29.21 12.06 1.45
CA SER A 314 -30.21 11.52 0.55
C SER A 314 -30.76 12.52 -0.50
N ASN A 315 -30.73 13.83 -0.22
CA ASN A 315 -31.16 14.82 -1.22
C ASN A 315 -29.98 15.58 -1.88
N LYS A 316 -28.76 15.07 -1.76
CA LYS A 316 -27.57 15.74 -2.36
C LYS A 316 -27.19 15.25 -3.80
N GLN A 317 -26.52 16.13 -4.56
CA GLN A 317 -25.99 15.78 -5.90
C GLN A 317 -24.69 14.93 -5.77
N VAL A 318 -24.71 13.74 -6.36
CA VAL A 318 -23.63 12.74 -6.22
C VAL A 318 -22.96 12.36 -7.57
N ASP A 319 -21.64 12.23 -7.53
CA ASP A 319 -20.88 11.71 -8.65
C ASP A 319 -20.59 10.24 -8.44
N LYS A 320 -20.91 9.47 -9.48
CA LYS A 320 -20.65 8.05 -9.48
C LYS A 320 -19.35 7.79 -10.23
N TYR A 321 -18.59 6.85 -9.68
CA TYR A 321 -17.40 6.30 -10.31
C TYR A 321 -17.49 4.81 -10.26
N LEU A 322 -18.20 4.20 -11.22
CA LEU A 322 -18.46 2.74 -11.18
C LEU A 322 -17.52 1.96 -12.10
N LEU A 323 -16.86 0.95 -11.50
CA LEU A 323 -15.84 0.19 -12.17
C LEU A 323 -16.34 -1.20 -12.55
N ARG A 324 -16.29 -1.51 -13.84
CA ARG A 324 -16.80 -2.75 -14.46
C ARG A 324 -15.70 -3.39 -15.37
N PRO A 325 -15.49 -4.73 -15.27
CA PRO A 325 -14.50 -5.32 -16.19
C PRO A 325 -14.93 -5.16 -17.60
N LEU A 326 -13.99 -4.90 -18.51
CA LEU A 326 -14.26 -4.95 -19.94
C LEU A 326 -14.23 -6.40 -20.37
N GLY A 327 -15.28 -6.83 -21.06
CA GLY A 327 -15.46 -8.22 -21.36
C GLY A 327 -14.47 -8.69 -22.41
N PRO A 328 -14.60 -9.95 -22.80
CA PRO A 328 -15.64 -10.84 -22.30
C PRO A 328 -15.09 -11.86 -21.29
N HIS A 329 -13.96 -11.57 -20.67
CA HIS A 329 -13.43 -12.43 -19.61
C HIS A 329 -13.94 -12.13 -18.19
N GLY A 330 -14.97 -11.30 -18.06
CA GLY A 330 -15.62 -11.08 -16.79
C GLY A 330 -14.65 -10.63 -15.70
N LEU A 331 -14.77 -11.24 -14.52
CA LEU A 331 -13.97 -10.83 -13.36
C LEU A 331 -12.47 -11.05 -13.54
N LEU A 332 -12.08 -11.93 -14.46
CA LEU A 332 -10.66 -12.19 -14.71
C LEU A 332 -10.13 -11.38 -15.92
N SER A 333 -10.93 -10.44 -16.40
CA SER A 333 -10.42 -9.49 -17.35
C SER A 333 -9.26 -8.64 -16.76
N LYS A 334 -8.43 -8.19 -17.68
CA LYS A 334 -7.33 -7.32 -17.37
C LYS A 334 -7.60 -5.92 -17.90
N SER A 335 -8.79 -5.69 -18.45
CA SER A 335 -9.22 -4.33 -18.81
C SER A 335 -10.42 -3.93 -17.95
N VAL A 336 -10.61 -2.62 -17.74
CA VAL A 336 -11.66 -2.14 -16.84
C VAL A 336 -12.33 -0.87 -17.34
N GLN A 337 -13.62 -0.74 -17.07
CA GLN A 337 -14.38 0.42 -17.49
C GLN A 337 -14.81 1.29 -16.32
N LEU A 338 -14.81 2.60 -16.55
CA LEU A 338 -15.26 3.56 -15.57
C LEU A 338 -16.51 4.18 -16.13
N ASN A 339 -17.65 3.84 -15.52
CA ASN A 339 -18.94 4.35 -16.00
C ASN A 339 -19.11 4.07 -17.51
N GLY A 340 -18.76 2.85 -17.93
CA GLY A 340 -18.95 2.43 -19.30
C GLY A 340 -17.98 2.97 -20.36
N LEU A 341 -16.94 3.70 -19.96
CA LEU A 341 -15.84 3.96 -20.88
C LEU A 341 -14.64 3.15 -20.36
N THR A 342 -13.94 2.44 -21.23
CA THR A 342 -12.76 1.65 -20.87
C THR A 342 -11.57 2.55 -20.55
N LEU A 343 -10.83 2.19 -19.51
CA LEU A 343 -9.69 3.00 -19.07
C LEU A 343 -8.38 2.58 -19.74
N LYS A 344 -7.77 3.55 -20.43
CA LYS A 344 -6.58 3.36 -21.22
C LYS A 344 -5.75 4.60 -21.05
N MET A 345 -4.45 4.47 -21.19
CA MET A 345 -3.63 5.66 -21.36
C MET A 345 -3.98 6.30 -22.71
N VAL A 346 -3.84 7.60 -22.80
CA VAL A 346 -4.00 8.30 -24.07
C VAL A 346 -2.77 7.99 -24.94
N ASP A 347 -1.58 8.15 -24.36
CA ASP A 347 -0.32 7.72 -24.97
C ASP A 347 0.60 7.50 -23.79
N ASP A 348 1.89 7.29 -23.99
CA ASP A 348 2.74 6.89 -22.85
C ASP A 348 3.10 8.05 -21.90
N GLN A 349 2.81 9.29 -22.28
CA GLN A 349 3.07 10.44 -21.40
C GLN A 349 1.78 11.05 -20.88
N THR A 350 0.65 10.40 -21.10
CA THR A 350 -0.64 11.09 -20.98
C THR A 350 -1.70 10.16 -20.38
N LEU A 351 -2.05 10.38 -19.12
CA LEU A 351 -3.13 9.62 -18.48
C LEU A 351 -4.46 10.21 -18.94
N PRO A 352 -5.52 9.40 -18.99
CA PRO A 352 -6.83 9.94 -19.37
C PRO A 352 -7.43 10.81 -18.26
N PRO A 353 -8.46 11.64 -18.55
CA PRO A 353 -9.15 12.15 -17.38
C PRO A 353 -10.07 11.01 -16.95
N LEU A 354 -10.51 11.02 -15.69
CA LEU A 354 -11.47 10.03 -15.20
C LEU A 354 -12.85 10.71 -15.10
N MET A 355 -13.77 10.42 -16.03
CA MET A 355 -15.07 11.11 -16.08
C MET A 355 -16.10 10.48 -15.16
N GLU A 356 -16.64 11.33 -14.29
CA GLU A 356 -17.69 10.95 -13.37
C GLU A 356 -18.98 10.80 -14.13
N LYS A 357 -19.93 10.11 -13.49
CA LYS A 357 -21.32 10.05 -13.92
C LYS A 357 -22.12 10.90 -12.92
N PRO A 358 -22.48 12.16 -13.32
CA PRO A 358 -23.25 13.03 -12.41
C PRO A 358 -24.64 12.46 -12.20
N LEU A 359 -25.06 12.37 -10.95
CA LEU A 359 -26.40 11.86 -10.64
C LEU A 359 -27.36 12.98 -10.27
N ARG A 360 -28.57 12.87 -10.81
CA ARG A 360 -29.69 13.76 -10.51
C ARG A 360 -29.92 13.65 -8.99
N PRO A 361 -30.07 14.80 -8.32
CA PRO A 361 -30.13 14.76 -6.84
C PRO A 361 -31.22 13.83 -6.35
N GLY A 362 -30.96 13.07 -5.28
CA GLY A 362 -31.94 12.09 -4.81
C GLY A 362 -31.90 10.68 -5.41
N SER A 363 -31.34 10.53 -6.63
CA SER A 363 -31.20 9.21 -7.30
C SER A 363 -30.52 8.12 -6.47
N SER A 364 -31.13 6.93 -6.45
CA SER A 364 -30.64 5.79 -5.66
C SER A 364 -29.31 5.27 -6.23
N LEU A 365 -28.52 4.60 -5.38
CA LEU A 365 -27.15 4.28 -5.76
C LEU A 365 -26.96 2.85 -6.19
N GLY A 366 -26.89 2.64 -7.51
CA GLY A 366 -26.80 1.29 -8.09
C GLY A 366 -25.40 0.69 -8.04
N LEU A 367 -25.28 -0.50 -7.44
CA LEU A 367 -24.01 -1.19 -7.31
C LEU A 367 -24.13 -2.64 -7.81
N PRO A 368 -23.89 -2.87 -9.12
CA PRO A 368 -23.99 -4.22 -9.69
C PRO A 368 -23.24 -5.28 -8.93
N ALA A 369 -23.61 -6.53 -9.19
CA ALA A 369 -22.99 -7.70 -8.54
C ALA A 369 -21.51 -7.73 -8.85
N PHE A 370 -20.74 -8.17 -7.86
CA PHE A 370 -19.29 -8.28 -8.01
C PHE A 370 -18.75 -7.05 -8.73
N SER A 371 -18.95 -5.89 -8.11
CA SER A 371 -18.38 -4.64 -8.58
C SER A 371 -17.99 -3.79 -7.39
N TYR A 372 -17.33 -2.67 -7.69
CA TYR A 372 -17.07 -1.65 -6.69
C TYR A 372 -17.24 -0.28 -7.31
N SER A 373 -17.49 0.69 -6.43
CA SER A 373 -17.68 2.07 -6.87
C SER A 373 -17.33 3.06 -5.76
N PHE A 374 -16.95 4.26 -6.17
CA PHE A 374 -16.87 5.42 -5.30
C PHE A 374 -18.07 6.35 -5.61
N PHE A 375 -18.53 7.01 -4.54
CA PHE A 375 -19.52 8.05 -4.65
C PHE A 375 -19.08 9.30 -3.87
N VAL A 376 -18.97 10.40 -4.59
CA VAL A 376 -18.68 11.66 -3.98
C VAL A 376 -19.98 12.46 -3.82
N ILE A 377 -20.28 12.77 -2.56
CA ILE A 377 -21.47 13.50 -2.18
C ILE A 377 -21.12 15.00 -2.14
N ARG A 378 -21.59 15.74 -3.16
CA ARG A 378 -21.26 17.15 -3.29
C ARG A 378 -22.15 17.99 -2.41
N ASN A 379 -21.57 19.09 -1.95
CA ASN A 379 -22.26 20.00 -1.05
C ASN A 379 -22.79 19.28 0.21
N ALA A 380 -22.01 18.34 0.71
CA ALA A 380 -22.35 17.64 1.94
C ALA A 380 -22.10 18.52 3.18
N LYS A 381 -21.19 19.51 3.04
CA LYS A 381 -20.85 20.46 4.13
C LYS A 381 -20.74 19.84 5.55
N VAL A 382 -20.08 18.70 5.66
CA VAL A 382 -19.84 18.03 6.93
C VAL A 382 -18.81 18.82 7.73
N ALA A 383 -19.21 19.30 8.92
CA ALA A 383 -18.32 20.04 9.81
C ALA A 383 -16.93 19.38 9.99
N ALA A 384 -16.91 18.09 10.31
CA ALA A 384 -15.64 17.37 10.53
C ALA A 384 -14.63 17.47 9.36
N CYS A 385 -15.14 17.67 8.14
CA CYS A 385 -14.33 17.62 6.91
C CYS A 385 -13.76 18.95 6.54
N ILE A 386 -14.17 19.98 7.26
CA ILE A 386 -13.64 21.32 7.08
C ILE A 386 -12.57 21.55 8.17
N GLN B 1 -34.37 -8.12 0.12
CA GLN B 1 -34.34 -6.66 -0.16
C GLN B 1 -33.19 -6.31 -1.13
N ASP B 2 -33.47 -5.47 -2.13
CA ASP B 2 -32.42 -4.92 -3.00
C ASP B 2 -31.98 -3.49 -2.62
N VAL B 3 -32.63 -2.96 -1.58
CA VAL B 3 -32.34 -1.65 -1.05
C VAL B 3 -31.66 -1.85 0.31
N VAL B 4 -30.57 -1.12 0.54
CA VAL B 4 -29.86 -1.19 1.81
C VAL B 4 -29.59 0.21 2.36
N ASP B 5 -29.88 0.35 3.65
CA ASP B 5 -29.70 1.60 4.34
C ASP B 5 -28.41 1.58 5.16
N LEU B 6 -27.77 2.75 5.19
CA LEU B 6 -26.47 2.95 5.79
C LEU B 6 -26.50 3.86 7.01
N ASP B 7 -25.56 3.64 7.92
CA ASP B 7 -25.31 4.54 9.05
C ASP B 7 -24.04 5.34 8.76
N PHE B 8 -24.14 6.67 8.69
CA PHE B 8 -22.93 7.53 8.61
C PHE B 8 -22.57 8.14 9.96
N PHE B 9 -21.31 8.01 10.35
CA PHE B 9 -20.75 8.74 11.47
C PHE B 9 -19.93 9.90 10.94
N THR B 10 -20.29 11.13 11.26
CA THR B 10 -19.56 12.30 10.75
C THR B 10 -19.31 13.43 11.79
N GLN B 11 -19.34 13.08 13.06
CA GLN B 11 -19.10 14.08 14.06
C GLN B 11 -17.66 14.54 13.95
N GLU B 12 -16.74 13.58 14.03
CA GLU B 12 -15.29 13.82 14.15
C GLU B 12 -14.51 12.72 13.36
N PRO B 13 -13.32 13.04 12.83
CA PRO B 13 -12.61 11.99 12.10
C PRO B 13 -12.15 10.92 13.07
N LEU B 14 -12.25 9.64 12.73
CA LEU B 14 -11.76 8.52 13.60
C LEU B 14 -10.23 8.39 13.61
N HIS B 15 -9.62 8.68 12.45
CA HIS B 15 -8.17 8.66 12.23
C HIS B 15 -7.86 9.58 11.08
N LEU B 16 -6.58 9.94 10.95
CA LEU B 16 -6.11 10.78 9.86
C LEU B 16 -5.02 10.04 9.16
N VAL B 17 -5.19 9.77 7.88
CA VAL B 17 -4.13 9.07 7.19
C VAL B 17 -3.09 10.07 6.67
N SER B 18 -1.93 9.54 6.24
CA SER B 18 -0.90 10.34 5.58
C SER B 18 -1.43 10.68 4.20
N PRO B 19 -1.06 11.87 3.65
CA PRO B 19 -1.34 12.19 2.23
C PRO B 19 -0.85 11.10 1.27
N SER B 20 0.26 10.44 1.66
CA SER B 20 0.82 9.28 0.96
C SER B 20 0.19 7.94 1.36
N PHE B 21 -1.10 7.92 1.69
CA PHE B 21 -1.70 6.72 2.27
C PHE B 21 -1.50 5.50 1.39
N LEU B 22 -1.83 5.65 0.11
CA LEU B 22 -1.66 4.58 -0.83
C LEU B 22 -0.27 4.73 -1.39
N SER B 23 0.61 3.83 -0.96
CA SER B 23 2.02 3.75 -1.41
C SER B 23 2.35 2.39 -2.08
N VAL B 24 3.54 2.31 -2.67
CA VAL B 24 3.91 1.20 -3.55
C VAL B 24 5.31 0.69 -3.17
N THR B 25 5.67 -0.47 -3.68
CA THR B 25 7.03 -0.97 -3.54
C THR B 25 7.59 -1.53 -4.81
N ILE B 26 8.90 -1.66 -4.82
CA ILE B 26 9.63 -2.38 -5.87
C ILE B 26 10.33 -3.54 -5.15
N ASP B 27 10.27 -4.77 -5.70
CA ASP B 27 10.97 -5.83 -5.00
C ASP B 27 12.44 -5.61 -5.17
N ALA B 28 13.17 -5.82 -4.09
CA ALA B 28 14.61 -5.68 -4.07
C ALA B 28 15.28 -6.59 -5.10
N ASN B 29 14.65 -7.71 -5.41
CA ASN B 29 15.16 -8.64 -6.43
C ASN B 29 15.22 -8.06 -7.85
N LEU B 30 14.46 -7.03 -8.15
CA LEU B 30 14.56 -6.39 -9.45
C LEU B 30 15.94 -5.79 -9.69
N ALA B 31 16.67 -5.48 -8.62
CA ALA B 31 18.06 -5.06 -8.74
C ALA B 31 18.92 -6.11 -9.41
N THR B 32 18.50 -7.38 -9.44
CA THR B 32 19.24 -8.47 -10.12
C THR B 32 18.83 -8.69 -11.58
N ASP B 33 17.79 -8.00 -12.05
CA ASP B 33 17.53 -7.91 -13.47
C ASP B 33 18.70 -7.11 -14.08
N PRO B 34 19.34 -7.64 -15.13
CA PRO B 34 20.34 -6.97 -15.93
C PRO B 34 19.95 -5.59 -16.40
N ARG B 35 18.73 -5.46 -16.91
CA ARG B 35 18.32 -4.17 -17.45
C ARG B 35 17.55 -3.26 -16.52
N PHE B 36 17.75 -3.43 -15.22
CA PHE B 36 17.27 -2.47 -14.19
C PHE B 36 17.28 -1.00 -14.60
N LEU B 37 18.43 -0.49 -15.03
CA LEU B 37 18.53 0.91 -15.41
C LEU B 37 17.62 1.25 -16.58
N ILE B 38 17.55 0.37 -17.56
CA ILE B 38 16.68 0.61 -18.70
C ILE B 38 15.22 0.63 -18.34
N LEU B 39 14.84 -0.28 -17.45
CA LEU B 39 13.46 -0.46 -17.09
C LEU B 39 12.93 0.77 -16.41
N LEU B 40 13.70 1.28 -15.47
CA LEU B 40 13.25 2.42 -14.73
C LEU B 40 13.29 3.71 -15.55
N GLY B 41 13.95 3.67 -16.70
CA GLY B 41 13.98 4.83 -17.60
C GLY B 41 12.70 5.00 -18.40
N SER B 42 11.88 3.94 -18.51
CA SER B 42 10.60 3.95 -19.27
C SER B 42 9.71 5.21 -19.00
N PRO B 43 9.39 5.97 -20.06
CA PRO B 43 8.52 7.12 -19.87
C PRO B 43 7.09 6.70 -19.49
N LYS B 44 6.62 5.63 -20.13
CA LYS B 44 5.34 5.01 -19.82
C LYS B 44 5.23 4.77 -18.31
N LEU B 45 6.26 4.13 -17.77
CA LEU B 45 6.32 3.83 -16.37
C LEU B 45 6.39 5.07 -15.47
N ARG B 46 7.21 6.05 -15.82
CA ARG B 46 7.31 7.25 -14.98
C ARG B 46 5.99 8.08 -14.96
N THR B 47 5.26 8.07 -16.07
CA THR B 47 3.98 8.76 -16.17
C THR B 47 2.98 8.10 -15.24
N LEU B 48 3.00 6.78 -15.23
CA LEU B 48 2.15 6.06 -14.32
C LEU B 48 2.54 6.41 -12.89
N ALA B 49 3.84 6.39 -12.61
CA ALA B 49 4.39 6.71 -11.29
C ALA B 49 3.99 8.07 -10.77
N ARG B 50 4.18 9.11 -11.58
CA ARG B 50 3.65 10.45 -11.21
C ARG B 50 2.15 10.45 -10.94
N GLY B 51 1.40 9.58 -11.61
CA GLY B 51 -0.04 9.45 -11.42
C GLY B 51 -0.44 9.20 -9.99
N LEU B 52 0.41 8.48 -9.25
CA LEU B 52 0.22 8.17 -7.84
C LEU B 52 1.06 9.01 -6.88
N SER B 53 1.54 10.15 -7.34
CA SER B 53 2.21 11.08 -6.45
C SER B 53 1.13 11.82 -5.68
N PRO B 54 1.26 11.98 -4.36
CA PRO B 54 2.44 11.60 -3.57
C PRO B 54 2.32 10.20 -3.00
N ALA B 55 3.44 9.51 -2.86
CA ALA B 55 3.48 8.20 -2.25
C ALA B 55 4.88 7.86 -1.85
N TYR B 56 5.02 6.92 -0.92
CA TYR B 56 6.31 6.32 -0.67
C TYR B 56 6.60 5.23 -1.69
N LEU B 57 7.88 5.07 -2.02
CA LEU B 57 8.33 3.97 -2.84
C LEU B 57 9.29 3.19 -2.00
N ARG B 58 8.89 2.00 -1.58
CA ARG B 58 9.78 1.19 -0.76
C ARG B 58 10.52 0.19 -1.63
N PHE B 59 11.84 0.19 -1.50
CA PHE B 59 12.68 -0.77 -2.19
C PHE B 59 13.15 -1.83 -1.20
N GLY B 60 12.53 -2.99 -1.24
CA GLY B 60 12.87 -4.03 -0.29
C GLY B 60 12.19 -5.32 -0.64
N GLY B 61 12.45 -6.34 0.15
CA GLY B 61 11.96 -7.67 -0.15
C GLY B 61 12.85 -8.68 0.52
N THR B 62 12.66 -9.96 0.19
CA THR B 62 13.50 -11.00 0.76
C THR B 62 14.97 -10.71 0.46
N LYS B 63 15.16 -10.20 -0.76
CA LYS B 63 16.46 -9.82 -1.27
C LYS B 63 17.09 -8.64 -0.53
N THR B 64 16.33 -7.88 0.25
CA THR B 64 16.92 -6.79 1.04
C THR B 64 18.17 -7.24 1.83
N ASP B 65 18.13 -8.47 2.34
CA ASP B 65 19.23 -9.00 3.17
C ASP B 65 20.24 -9.83 2.39
N PHE B 66 20.13 -9.79 1.06
CA PHE B 66 21.06 -10.46 0.18
C PHE B 66 21.55 -9.54 -0.94
N LEU B 67 21.71 -8.26 -0.59
CA LEU B 67 22.26 -7.27 -1.48
C LEU B 67 23.42 -6.58 -0.77
N ILE B 68 24.41 -6.18 -1.56
CA ILE B 68 25.58 -5.50 -1.05
C ILE B 68 25.98 -4.36 -2.00
N PHE B 69 26.30 -3.21 -1.40
CA PHE B 69 26.83 -2.08 -2.15
C PHE B 69 28.28 -2.34 -2.61
N ASP B 70 28.55 -2.06 -3.89
CA ASP B 70 29.88 -2.15 -4.52
C ASP B 70 30.30 -0.79 -5.13
N PRO B 71 31.20 -0.07 -4.45
CA PRO B 71 31.60 1.21 -4.99
C PRO B 71 32.38 1.07 -6.28
N LYS B 72 33.02 -0.07 -6.47
CA LYS B 72 33.82 -0.31 -7.68
C LYS B 72 32.94 -0.60 -8.91
N LYS B 73 31.76 -1.15 -8.69
CA LYS B 73 30.94 -1.60 -9.77
C LYS B 73 30.48 -0.42 -10.59
N GLU B 74 30.47 -0.60 -11.90
CA GLU B 74 30.02 0.44 -12.84
C GLU B 74 28.57 0.15 -13.24
#